data_1AJ1
#
_entry.id   1AJ1
#
_cell.length_a   1.000
_cell.length_b   1.000
_cell.length_c   1.000
_cell.angle_alpha   90.00
_cell.angle_beta   90.00
_cell.angle_gamma   90.00
#
_symmetry.space_group_name_H-M   'P 1'
#
_entity_poly.entity_id   1
_entity_poly.type   'polypeptide(L)'
_entity_poly.pdbx_seq_one_letter_code
;(DAL)SGWVC(DBB)L(DBB)IECG(DBB)VICAC
;
_entity_poly.pdbx_strand_id   A
#
# COMPACT_ATOMS: atom_id res chain seq x y z
N SER A 2 -5.86 0.14 -1.71
CA SER A 2 -6.94 -0.89 -1.74
C SER A 2 -8.01 -0.48 -0.67
N GLY A 3 -8.78 0.55 -1.01
CA GLY A 3 -9.59 1.33 -0.04
C GLY A 3 -8.75 2.54 0.44
N TRP A 4 -8.37 2.62 1.74
CA TRP A 4 -7.14 3.36 2.15
C TRP A 4 -6.50 2.57 3.34
N VAL A 5 -5.83 1.47 2.96
CA VAL A 5 -4.78 0.81 3.78
C VAL A 5 -3.49 1.66 3.61
N CYS A 6 -2.82 1.54 2.46
CA CYS A 6 -2.22 2.67 1.71
C CYS A 6 -1.26 3.64 2.46
N LEU A 8 1.77 4.35 4.18
CA LEU A 8 2.84 4.31 5.23
C LEU A 8 3.38 2.85 5.39
N ILE A 10 2.54 -0.18 3.99
CA ILE A 10 1.65 -1.37 3.96
C ILE A 10 0.60 -1.07 2.85
N GLU A 11 0.70 -1.80 1.72
CA GLU A 11 -0.31 -1.81 0.63
C GLU A 11 -0.56 -0.40 -0.02
N CYS A 12 0.51 0.27 -0.48
CA CYS A 12 0.43 1.51 -1.32
C CYS A 12 0.05 1.26 -2.81
N GLY A 13 0.39 0.09 -3.38
CA GLY A 13 0.19 -0.18 -4.83
C GLY A 13 0.18 -1.65 -5.29
N VAL A 15 3.81 -3.01 -5.40
CA VAL A 15 5.29 -3.10 -5.58
C VAL A 15 6.15 -2.16 -4.65
N ILE A 16 5.68 -0.93 -4.34
CA ILE A 16 6.50 0.13 -3.67
C ILE A 16 6.64 -0.15 -2.13
N CYS A 17 5.54 -0.11 -1.36
CA CYS A 17 5.52 -0.53 0.08
C CYS A 17 5.43 -2.08 0.21
N ALA A 18 5.04 -2.57 1.40
CA ALA A 18 4.52 -3.97 1.57
C ALA A 18 3.03 -4.11 1.17
N CYS A 19 2.79 -3.88 -0.13
CA CYS A 19 2.56 -5.03 -1.04
C CYS A 19 3.85 -5.23 -1.86
N SER A 2 -5.85 0.65 -1.65
CA SER A 2 -6.98 -0.33 -1.62
C SER A 2 -8.00 0.14 -0.54
N GLY A 3 -8.73 1.23 -0.89
CA GLY A 3 -9.45 2.08 0.10
C GLY A 3 -8.49 3.20 0.54
N TRP A 4 -8.08 3.27 1.84
CA TRP A 4 -6.80 3.94 2.22
C TRP A 4 -6.18 3.14 3.41
N VAL A 5 -5.62 1.99 3.05
CA VAL A 5 -4.57 1.28 3.86
C VAL A 5 -3.23 2.01 3.60
N CYS A 6 -2.63 1.82 2.41
CA CYS A 6 -1.98 2.89 1.61
C CYS A 6 -0.98 3.86 2.33
N LEU A 8 1.96 4.49 4.07
CA LEU A 8 2.96 4.41 5.18
C LEU A 8 3.65 3.02 5.31
N ILE A 10 2.55 -0.06 3.76
CA ILE A 10 1.66 -1.26 3.68
C ILE A 10 0.67 -0.92 2.52
N GLU A 11 0.85 -1.61 1.38
CA GLU A 11 -0.07 -1.58 0.20
C GLU A 11 -0.40 -0.15 -0.36
N CYS A 12 0.65 0.61 -0.71
CA CYS A 12 0.56 1.83 -1.56
C CYS A 12 0.27 1.53 -3.07
N GLY A 13 0.64 0.34 -3.58
CA GLY A 13 0.55 0.03 -5.03
C GLY A 13 0.42 -1.45 -5.42
N VAL A 15 3.94 -2.98 -5.44
CA VAL A 15 5.43 -3.13 -5.56
C VAL A 15 6.19 -2.21 -4.55
N ILE A 16 5.84 -0.91 -4.47
CA ILE A 16 6.65 0.16 -3.80
C ILE A 16 6.73 -0.05 -2.24
N CYS A 17 5.58 -0.02 -1.55
CA CYS A 17 5.49 -0.41 -0.11
C CYS A 17 5.36 -1.96 0.04
N ALA A 18 4.96 -2.44 1.23
CA ALA A 18 4.49 -3.84 1.43
C ALA A 18 3.01 -4.06 1.03
N CYS A 19 2.74 -3.81 -0.26
CA CYS A 19 2.55 -4.92 -1.19
C CYS A 19 3.80 -4.95 -2.09
N SER A 2 -6.33 0.66 -1.17
CA SER A 2 -7.62 -0.03 -0.91
C SER A 2 -8.38 0.77 0.21
N GLY A 3 -8.86 1.97 -0.16
CA GLY A 3 -9.29 3.00 0.82
C GLY A 3 -8.05 3.77 1.34
N TRP A 4 -7.66 3.61 2.63
CA TRP A 4 -6.30 3.99 3.11
C TRP A 4 -5.85 2.94 4.16
N VAL A 5 -5.46 1.77 3.62
CA VAL A 5 -4.40 0.89 4.21
C VAL A 5 -3.04 1.52 3.81
N CYS A 6 -2.67 1.44 2.52
CA CYS A 6 -2.07 2.54 1.72
C CYS A 6 -1.16 3.60 2.41
N LEU A 8 1.83 4.28 4.12
CA LEU A 8 2.88 4.23 5.17
C LEU A 8 3.39 2.77 5.32
N ILE A 10 2.49 -0.33 3.85
CA ILE A 10 1.66 -1.55 3.66
C ILE A 10 0.66 -1.17 2.52
N GLU A 11 0.82 -1.81 1.36
CA GLU A 11 -0.10 -1.74 0.19
C GLU A 11 -0.42 -0.31 -0.35
N CYS A 12 0.63 0.46 -0.65
CA CYS A 12 0.56 1.70 -1.48
C CYS A 12 0.30 1.45 -2.99
N GLY A 13 0.73 0.28 -3.54
CA GLY A 13 0.71 0.03 -5.00
C GLY A 13 0.54 -1.44 -5.44
N VAL A 15 4.05 -3.00 -5.44
CA VAL A 15 5.53 -3.15 -5.53
C VAL A 15 6.35 -2.17 -4.61
N ILE A 16 5.89 -0.91 -4.38
CA ILE A 16 6.66 0.16 -3.68
C ILE A 16 6.75 -0.13 -2.14
N CYS A 17 5.61 -0.10 -1.42
CA CYS A 17 5.52 -0.55 -0.01
C CYS A 17 5.37 -2.11 0.09
N ALA A 18 4.96 -2.61 1.25
CA ALA A 18 4.48 -4.03 1.40
C ALA A 18 3.00 -4.24 0.98
N CYS A 19 2.75 -3.95 -0.31
CA CYS A 19 2.59 -5.03 -1.27
C CYS A 19 3.86 -5.01 -2.16
N SER A 2 -5.95 0.53 -1.56
CA SER A 2 -7.11 -0.40 -1.49
C SER A 2 -8.15 0.14 -0.45
N GLY A 3 -8.79 1.27 -0.83
CA GLY A 3 -9.48 2.16 0.12
C GLY A 3 -8.49 3.23 0.61
N TRP A 4 -8.09 3.25 1.90
CA TRP A 4 -6.80 3.84 2.33
C TRP A 4 -6.25 2.98 3.51
N VAL A 5 -5.65 1.87 3.11
CA VAL A 5 -4.57 1.17 3.87
C VAL A 5 -3.26 1.98 3.62
N CYS A 6 -2.67 1.82 2.44
CA CYS A 6 -2.03 2.92 1.65
C CYS A 6 -1.02 3.87 2.36
N LEU A 8 1.95 4.53 4.07
CA LEU A 8 2.96 4.47 5.17
C LEU A 8 3.60 3.05 5.32
N ILE A 10 2.68 0.05 3.94
CA ILE A 10 1.79 -1.14 3.94
C ILE A 10 0.73 -0.83 2.83
N GLU A 11 0.80 -1.58 1.73
CA GLU A 11 -0.24 -1.60 0.64
C GLU A 11 -0.47 -0.21 -0.03
N CYS A 12 0.60 0.44 -0.52
CA CYS A 12 0.52 1.65 -1.39
C CYS A 12 0.09 1.37 -2.87
N GLY A 13 0.39 0.17 -3.41
CA GLY A 13 0.11 -0.15 -4.83
C GLY A 13 0.14 -1.63 -5.26
N VAL A 15 3.75 -3.04 -5.27
CA VAL A 15 5.23 -3.14 -5.46
C VAL A 15 6.03 -2.23 -4.48
N ILE A 16 5.67 -0.93 -4.39
CA ILE A 16 6.53 0.14 -3.78
C ILE A 16 6.68 -0.03 -2.23
N CYS A 17 5.57 0.04 -1.47
CA CYS A 17 5.54 -0.38 -0.04
C CYS A 17 5.37 -1.92 0.09
N ALA A 18 5.04 -2.41 1.30
CA ALA A 18 4.54 -3.81 1.51
C ALA A 18 3.03 -3.96 1.21
N CYS A 19 2.69 -3.74 -0.07
CA CYS A 19 2.48 -4.88 -0.98
C CYS A 19 3.72 -4.94 -1.89
N SER A 2 -6.16 0.67 -1.40
CA SER A 2 -7.42 -0.09 -1.21
C SER A 2 -8.25 0.64 -0.09
N GLY A 3 -8.78 1.83 -0.44
CA GLY A 3 -9.28 2.81 0.56
C GLY A 3 -8.10 3.62 1.16
N TRP A 4 -7.76 3.42 2.45
CA TRP A 4 -6.43 3.80 3.00
C TRP A 4 -6.00 2.71 4.01
N VAL A 5 -5.52 1.61 3.43
CA VAL A 5 -4.45 0.76 4.01
C VAL A 5 -3.12 1.51 3.72
N CYS A 6 -2.66 1.47 2.46
CA CYS A 6 -2.05 2.61 1.72
C CYS A 6 -1.11 3.61 2.45
N LEU A 8 1.86 4.27 4.19
CA LEU A 8 2.91 4.22 5.25
C LEU A 8 3.44 2.75 5.41
N ILE A 10 2.56 -0.32 3.94
CA ILE A 10 1.71 -1.53 3.77
C ILE A 10 0.67 -1.14 2.67
N GLU A 11 0.77 -1.81 1.50
CA GLU A 11 -0.26 -1.75 0.41
C GLU A 11 -0.48 -0.32 -0.19
N CYS A 12 0.62 0.36 -0.60
CA CYS A 12 0.56 1.62 -1.40
C CYS A 12 0.19 1.40 -2.90
N GLY A 13 0.57 0.26 -3.51
CA GLY A 13 0.34 0.01 -4.95
C GLY A 13 0.37 -1.45 -5.44
N VAL A 15 3.97 -2.89 -5.39
CA VAL A 15 5.45 -3.00 -5.54
C VAL A 15 6.22 -2.12 -4.48
N ILE A 16 5.85 -0.83 -4.32
CA ILE A 16 6.68 0.21 -3.63
C ILE A 16 6.79 -0.07 -2.08
N CYS A 17 5.65 -0.04 -1.36
CA CYS A 17 5.57 -0.49 0.05
C CYS A 17 5.42 -2.05 0.14
N ALA A 18 5.00 -2.56 1.31
CA ALA A 18 4.51 -3.97 1.44
C ALA A 18 3.04 -4.16 1.03
N CYS A 19 2.77 -3.86 -0.26
CA CYS A 19 2.62 -4.93 -1.24
C CYS A 19 3.88 -4.87 -2.13
N SER A 2 -5.91 0.77 -1.64
CA SER A 2 -7.09 -0.15 -1.57
C SER A 2 -8.08 0.43 -0.51
N GLY A 3 -8.72 1.54 -0.87
CA GLY A 3 -9.38 2.46 0.09
C GLY A 3 -8.33 3.49 0.59
N TRP A 4 -7.94 3.48 1.89
CA TRP A 4 -6.64 4.03 2.34
C TRP A 4 -6.11 3.17 3.51
N VAL A 5 -5.56 2.01 3.12
CA VAL A 5 -4.51 1.29 3.89
C VAL A 5 -3.17 2.04 3.59
N CYS A 6 -2.61 1.85 2.38
CA CYS A 6 -1.94 2.92 1.57
C CYS A 6 -0.96 3.89 2.29
N LEU A 8 1.98 4.50 4.05
CA LEU A 8 2.97 4.39 5.17
C LEU A 8 3.65 3.00 5.31
N ILE A 10 2.54 -0.07 3.76
CA ILE A 10 1.66 -1.26 3.65
C ILE A 10 0.67 -0.92 2.49
N GLU A 11 0.85 -1.61 1.35
CA GLU A 11 -0.06 -1.56 0.17
C GLU A 11 -0.39 -0.13 -0.39
N CYS A 12 0.69 0.62 -0.73
CA CYS A 12 0.63 1.84 -1.58
C CYS A 12 0.36 1.55 -3.09
N GLY A 13 0.73 0.35 -3.60
CA GLY A 13 0.66 0.05 -5.04
C GLY A 13 0.50 -1.44 -5.44
N VAL A 15 3.99 -3.02 -5.42
CA VAL A 15 5.47 -3.19 -5.53
C VAL A 15 6.24 -2.26 -4.52
N ILE A 16 5.89 -0.96 -4.43
CA ILE A 16 6.71 0.10 -3.76
C ILE A 16 6.77 -0.11 -2.21
N CYS A 17 5.63 -0.07 -1.52
CA CYS A 17 5.51 -0.46 -0.08
C CYS A 17 5.37 -2.00 0.07
N ALA A 18 4.95 -2.47 1.25
CA ALA A 18 4.46 -3.88 1.45
C ALA A 18 2.97 -4.08 1.04
N CYS A 19 2.73 -3.83 -0.26
CA CYS A 19 2.54 -4.95 -1.20
C CYS A 19 3.80 -4.97 -2.08
N SER A 2 -5.81 0.45 -1.64
CA SER A 2 -6.90 -0.56 -1.62
C SER A 2 -7.95 -0.12 -0.56
N GLY A 3 -8.70 0.94 -0.91
CA GLY A 3 -9.46 1.77 0.06
C GLY A 3 -8.56 2.94 0.52
N TRP A 4 -8.16 3.02 1.81
CA TRP A 4 -6.89 3.68 2.20
C TRP A 4 -6.30 2.90 3.41
N VAL A 5 -5.66 1.79 3.06
CA VAL A 5 -4.57 1.15 3.86
C VAL A 5 -3.29 2.00 3.61
N CYS A 6 -2.66 1.84 2.45
CA CYS A 6 -2.04 2.93 1.66
C CYS A 6 -1.02 3.89 2.37
N LEU A 8 1.96 4.54 4.08
CA LEU A 8 2.96 4.47 5.17
C LEU A 8 3.60 3.05 5.32
N ILE A 10 2.68 0.05 3.94
CA ILE A 10 1.79 -1.14 3.94
C ILE A 10 0.72 -0.83 2.85
N GLU A 11 0.79 -1.58 1.73
CA GLU A 11 -0.25 -1.60 0.64
C GLU A 11 -0.48 -0.20 -0.03
N CYS A 12 0.60 0.44 -0.52
CA CYS A 12 0.52 1.66 -1.40
C CYS A 12 0.09 1.37 -2.87
N GLY A 13 0.40 0.17 -3.41
CA GLY A 13 0.12 -0.15 -4.82
C GLY A 13 0.14 -1.63 -5.26
N VAL A 15 3.76 -3.04 -5.27
CA VAL A 15 5.23 -3.15 -5.47
C VAL A 15 6.03 -2.23 -4.48
N ILE A 16 5.67 -0.93 -4.39
CA ILE A 16 6.53 0.14 -3.78
C ILE A 16 6.67 -0.02 -2.22
N CYS A 17 5.57 0.04 -1.47
CA CYS A 17 5.53 -0.38 -0.04
C CYS A 17 5.36 -1.92 0.09
N ALA A 18 5.02 -2.41 1.30
CA ALA A 18 4.53 -3.80 1.51
C ALA A 18 3.02 -3.96 1.21
N CYS A 19 2.67 -3.74 -0.08
CA CYS A 19 2.48 -4.88 -0.98
C CYS A 19 3.72 -4.94 -1.89
N SER A 2 -5.78 0.49 -1.72
CA SER A 2 -6.88 -0.50 -1.71
C SER A 2 -7.94 -0.04 -0.66
N GLY A 3 -8.67 1.02 -1.03
CA GLY A 3 -9.43 1.87 -0.07
C GLY A 3 -8.51 3.04 0.39
N TRP A 4 -8.14 3.12 1.68
CA TRP A 4 -6.86 3.78 2.09
C TRP A 4 -6.30 2.98 3.31
N VAL A 5 -5.66 1.87 2.96
CA VAL A 5 -4.60 1.22 3.79
C VAL A 5 -3.30 2.06 3.55
N CYS A 6 -2.66 1.88 2.39
CA CYS A 6 -2.02 2.96 1.60
C CYS A 6 -1.00 3.91 2.32
N LEU A 8 1.98 4.55 4.04
CA LEU A 8 2.98 4.49 5.15
C LEU A 8 3.60 3.07 5.31
N ILE A 10 2.65 0.07 3.94
CA ILE A 10 1.74 -1.11 3.96
C ILE A 10 0.70 -0.81 2.84
N GLU A 11 0.76 -1.57 1.75
CA GLU A 11 -0.26 -1.60 0.65
C GLU A 11 -0.47 -0.20 -0.04
N CYS A 12 0.62 0.42 -0.53
CA CYS A 12 0.56 1.63 -1.41
C CYS A 12 0.17 1.33 -2.89
N GLY A 13 0.48 0.14 -3.43
CA GLY A 13 0.26 -0.18 -4.86
C GLY A 13 0.21 -1.66 -5.26
N VAL A 15 3.79 -3.15 -5.32
CA VAL A 15 5.27 -3.31 -5.50
C VAL A 15 6.16 -2.34 -4.63
N ILE A 16 5.73 -1.08 -4.37
CA ILE A 16 6.58 -0.01 -3.75
C ILE A 16 6.72 -0.24 -2.20
N CYS A 17 5.62 -0.13 -1.44
CA CYS A 17 5.60 -0.50 0.02
C CYS A 17 5.46 -2.05 0.20
N ALA A 18 5.07 -2.48 1.41
CA ALA A 18 4.52 -3.86 1.63
C ALA A 18 3.02 -3.98 1.25
N CYS A 19 2.78 -3.80 -0.05
CA CYS A 19 2.50 -4.97 -0.91
C CYS A 19 3.78 -5.26 -1.73
N SER A 2 -5.75 0.45 -2.06
CA SER A 2 -6.86 -0.54 -2.13
C SER A 2 -7.96 -0.12 -1.10
N GLY A 3 -8.67 0.97 -1.45
CA GLY A 3 -9.46 1.76 -0.48
C GLY A 3 -8.58 2.92 0.06
N TRP A 4 -8.24 2.96 1.36
CA TRP A 4 -7.00 3.63 1.84
C TRP A 4 -6.42 2.79 3.02
N VAL A 5 -5.79 1.67 2.63
CA VAL A 5 -4.78 0.95 3.46
C VAL A 5 -3.46 1.76 3.34
N CYS A 6 -2.77 1.64 2.21
CA CYS A 6 -2.10 2.77 1.51
C CYS A 6 -1.14 3.70 2.31
N LEU A 8 1.80 4.36 4.14
CA LEU A 8 2.82 4.28 5.23
C LEU A 8 3.34 2.82 5.37
N ILE A 10 2.49 -0.17 3.90
CA ILE A 10 1.58 -1.36 3.82
C ILE A 10 0.59 -1.04 2.67
N GLU A 11 0.75 -1.75 1.54
CA GLU A 11 -0.21 -1.75 0.39
C GLU A 11 -0.44 -0.32 -0.23
N CYS A 12 0.65 0.36 -0.63
CA CYS A 12 0.59 1.62 -1.45
C CYS A 12 0.26 1.38 -2.96
N GLY A 13 0.59 0.21 -3.53
CA GLY A 13 0.37 -0.06 -4.97
C GLY A 13 0.36 -1.54 -5.42
N VAL A 15 3.94 -2.94 -5.42
CA VAL A 15 5.43 -3.03 -5.60
C VAL A 15 6.20 -2.19 -4.53
N ILE A 16 5.84 -0.91 -4.32
CA ILE A 16 6.69 0.11 -3.62
C ILE A 16 6.79 -0.16 -2.09
N CYS A 17 5.66 -0.11 -1.36
CA CYS A 17 5.58 -0.53 0.07
C CYS A 17 5.49 -2.08 0.21
N ALA A 18 5.07 -2.57 1.39
CA ALA A 18 4.54 -3.97 1.54
C ALA A 18 3.06 -4.10 1.11
N CYS A 19 2.85 -3.87 -0.19
CA CYS A 19 2.62 -5.01 -1.10
C CYS A 19 3.93 -5.24 -1.91
N SER A 2 -5.76 0.72 -1.93
CA SER A 2 -6.90 -0.23 -1.94
C SER A 2 -7.96 0.25 -0.90
N GLY A 3 -8.64 1.36 -1.26
CA GLY A 3 -9.37 2.21 -0.28
C GLY A 3 -8.41 3.30 0.25
N TRP A 4 -8.06 3.29 1.55
CA TRP A 4 -6.79 3.89 2.03
C TRP A 4 -6.26 3.03 3.22
N VAL A 5 -5.65 1.91 2.81
CA VAL A 5 -4.59 1.21 3.61
C VAL A 5 -3.28 2.03 3.41
N CYS A 6 -2.64 1.90 2.24
CA CYS A 6 -1.99 3.01 1.49
C CYS A 6 -1.02 3.96 2.26
N LEU A 8 1.94 4.52 4.12
CA LEU A 8 2.92 4.43 5.24
C LEU A 8 3.61 3.03 5.33
N ILE A 10 2.67 0.09 3.83
CA ILE A 10 1.76 -1.10 3.81
C ILE A 10 0.73 -0.79 2.68
N GLU A 11 0.83 -1.52 1.56
CA GLU A 11 -0.16 -1.51 0.44
C GLU A 11 -0.38 -0.10 -0.21
N CYS A 12 0.71 0.56 -0.64
CA CYS A 12 0.65 1.79 -1.49
C CYS A 12 0.30 1.53 -2.99
N GLY A 13 0.63 0.34 -3.53
CA GLY A 13 0.42 0.03 -4.97
C GLY A 13 0.36 -1.46 -5.37
N VAL A 15 3.90 -3.00 -5.31
CA VAL A 15 5.38 -3.16 -5.45
C VAL A 15 6.18 -2.20 -4.49
N ILE A 16 5.83 -0.91 -4.40
CA ILE A 16 6.67 0.17 -3.78
C ILE A 16 6.81 -0.04 -2.23
N CYS A 17 5.69 0.07 -1.49
CA CYS A 17 5.61 -0.34 -0.06
C CYS A 17 5.46 -1.89 0.08
N ALA A 18 5.09 -2.37 1.28
CA ALA A 18 4.59 -3.76 1.49
C ALA A 18 3.09 -3.92 1.15
N CYS A 19 2.78 -3.70 -0.13
CA CYS A 19 2.56 -4.83 -1.03
C CYS A 19 3.80 -4.89 -1.95
N SER A 2 -5.79 0.44 -1.68
CA SER A 2 -6.89 -0.56 -1.67
C SER A 2 -7.95 -0.11 -0.60
N GLY A 3 -8.69 0.96 -0.98
CA GLY A 3 -9.45 1.79 -0.02
C GLY A 3 -8.54 2.97 0.43
N TRP A 4 -8.16 3.06 1.72
CA TRP A 4 -6.89 3.73 2.13
C TRP A 4 -6.31 2.95 3.34
N VAL A 5 -5.67 1.82 3.00
CA VAL A 5 -4.59 1.18 3.82
C VAL A 5 -3.31 2.03 3.58
N CYS A 6 -2.66 1.85 2.41
CA CYS A 6 -2.03 2.94 1.62
C CYS A 6 -1.02 3.89 2.33
N LEU A 8 1.95 4.55 4.05
CA LEU A 8 2.95 4.49 5.16
C LEU A 8 3.59 3.08 5.31
N ILE A 10 2.66 0.06 3.95
CA ILE A 10 1.75 -1.11 3.97
C ILE A 10 0.70 -0.82 2.85
N GLU A 11 0.77 -1.59 1.75
CA GLU A 11 -0.25 -1.61 0.67
C GLU A 11 -0.48 -0.22 -0.02
N CYS A 12 0.61 0.42 -0.51
CA CYS A 12 0.54 1.63 -1.39
C CYS A 12 0.12 1.33 -2.86
N GLY A 13 0.40 0.13 -3.40
CA GLY A 13 0.09 -0.19 -4.81
C GLY A 13 0.10 -1.68 -5.24
N VAL A 15 3.72 -3.04 -5.34
CA VAL A 15 5.20 -3.12 -5.59
C VAL A 15 6.01 -2.26 -4.55
N ILE A 16 5.67 -0.98 -4.38
CA ILE A 16 6.55 0.06 -3.74
C ILE A 16 6.70 -0.15 -2.20
N CYS A 17 5.59 -0.07 -1.44
CA CYS A 17 5.57 -0.45 0.01
C CYS A 17 5.44 -1.99 0.19
N ALA A 18 5.07 -2.45 1.39
CA ALA A 18 4.55 -3.83 1.61
C ALA A 18 3.04 -3.97 1.24
N CYS A 19 2.78 -3.79 -0.06
CA CYS A 19 2.53 -4.97 -0.91
C CYS A 19 3.81 -5.21 -1.74
N SER A 2 -5.88 0.46 -1.89
CA SER A 2 -7.01 -0.51 -1.92
C SER A 2 -8.06 -0.06 -0.86
N GLY A 3 -8.76 1.05 -1.18
CA GLY A 3 -9.49 1.86 -0.17
C GLY A 3 -8.52 2.93 0.40
N TRP A 4 -8.16 2.89 1.71
CA TRP A 4 -6.89 3.49 2.19
C TRP A 4 -6.36 2.59 3.35
N VAL A 5 -5.73 1.49 2.91
CA VAL A 5 -4.65 0.78 3.67
C VAL A 5 -3.37 1.63 3.49
N CYS A 6 -2.74 1.55 2.30
CA CYS A 6 -2.09 2.69 1.59
C CYS A 6 -1.13 3.63 2.39
N LEU A 8 1.86 4.29 4.15
CA LEU A 8 2.92 4.23 5.22
C LEU A 8 3.42 2.76 5.37
N ILE A 10 2.56 -0.23 3.83
CA ILE A 10 1.65 -1.41 3.78
C ILE A 10 0.61 -1.09 2.66
N GLU A 11 0.74 -1.80 1.52
CA GLU A 11 -0.25 -1.78 0.38
C GLU A 11 -0.47 -0.35 -0.22
N CYS A 12 0.62 0.33 -0.64
CA CYS A 12 0.56 1.59 -1.45
C CYS A 12 0.22 1.37 -2.95
N GLY A 13 0.56 0.20 -3.54
CA GLY A 13 0.36 -0.06 -4.98
C GLY A 13 0.35 -1.53 -5.45
N VAL A 15 3.96 -2.92 -5.50
CA VAL A 15 5.44 -3.00 -5.69
C VAL A 15 6.22 -2.17 -4.62
N ILE A 16 5.84 -0.90 -4.37
CA ILE A 16 6.69 0.11 -3.66
C ILE A 16 6.81 -0.19 -2.13
N CYS A 17 5.68 -0.16 -1.40
CA CYS A 17 5.62 -0.55 0.05
C CYS A 17 5.51 -2.10 0.21
N ALA A 18 5.05 -2.57 1.37
CA ALA A 18 4.53 -3.97 1.54
C ALA A 18 3.06 -4.12 1.07
N CYS A 19 2.87 -3.88 -0.24
CA CYS A 19 2.67 -5.00 -1.18
C CYS A 19 3.98 -5.16 -1.99
N SER A 2 -5.77 0.76 -1.90
CA SER A 2 -6.93 -0.18 -1.88
C SER A 2 -7.98 0.37 -0.86
N GLY A 3 -8.64 1.47 -1.28
CA GLY A 3 -9.36 2.37 -0.34
C GLY A 3 -8.37 3.46 0.15
N TRP A 4 -8.03 3.51 1.45
CA TRP A 4 -6.74 4.11 1.92
C TRP A 4 -6.25 3.30 3.15
N VAL A 5 -5.67 2.13 2.81
CA VAL A 5 -4.65 1.44 3.67
C VAL A 5 -3.30 2.17 3.42
N CYS A 6 -2.68 1.95 2.25
CA CYS A 6 -1.97 2.99 1.45
C CYS A 6 -0.98 3.96 2.18
N LEU A 8 1.91 4.52 4.01
CA LEU A 8 2.87 4.40 5.16
C LEU A 8 3.48 2.97 5.27
N ILE A 10 2.54 0.03 3.75
CA ILE A 10 1.62 -1.14 3.69
C ILE A 10 0.64 -0.81 2.51
N GLU A 11 0.82 -1.55 1.40
CA GLU A 11 -0.07 -1.53 0.21
C GLU A 11 -0.37 -0.11 -0.40
N CYS A 12 0.71 0.63 -0.73
CA CYS A 12 0.66 1.84 -1.60
C CYS A 12 0.40 1.53 -3.11
N GLY A 13 0.76 0.34 -3.60
CA GLY A 13 0.72 0.01 -5.04
C GLY A 13 0.52 -1.48 -5.43
N VAL A 15 3.99 -3.11 -5.36
CA VAL A 15 5.46 -3.30 -5.44
C VAL A 15 6.32 -2.29 -4.59
N ILE A 16 5.89 -1.02 -4.42
CA ILE A 16 6.70 0.07 -3.79
C ILE A 16 6.79 -0.12 -2.24
N CYS A 17 5.66 -0.03 -1.52
CA CYS A 17 5.57 -0.43 -0.09
C CYS A 17 5.40 -1.98 0.05
N ALA A 18 5.02 -2.44 1.25
CA ALA A 18 4.52 -3.84 1.46
C ALA A 18 3.01 -4.00 1.09
N CYS A 19 2.74 -3.78 -0.20
CA CYS A 19 2.51 -4.91 -1.10
C CYS A 19 3.77 -5.01 -1.99
N SER A 2 -5.95 0.41 -1.67
CA SER A 2 -7.08 -0.55 -1.68
C SER A 2 -8.11 -0.11 -0.59
N GLY A 3 -8.81 1.00 -0.88
CA GLY A 3 -9.52 1.80 0.13
C GLY A 3 -8.56 2.88 0.68
N TRP A 4 -8.17 2.84 1.98
CA TRP A 4 -6.89 3.44 2.44
C TRP A 4 -6.32 2.53 3.57
N VAL A 5 -5.70 1.45 3.11
CA VAL A 5 -4.60 0.74 3.84
C VAL A 5 -3.31 1.60 3.62
N CYS A 6 -2.73 1.53 2.43
CA CYS A 6 -2.11 2.67 1.71
C CYS A 6 -1.14 3.63 2.47
N LEU A 8 1.85 4.28 4.20
CA LEU A 8 2.90 4.22 5.27
C LEU A 8 3.44 2.78 5.41
N ILE A 10 2.56 -0.30 3.96
CA ILE A 10 1.72 -1.51 3.78
C ILE A 10 0.68 -1.14 2.69
N GLU A 11 0.78 -1.80 1.52
CA GLU A 11 -0.23 -1.77 0.42
C GLU A 11 -0.49 -0.32 -0.16
N CYS A 12 0.58 0.37 -0.58
CA CYS A 12 0.50 1.63 -1.39
C CYS A 12 0.12 1.41 -2.89
N GLY A 13 0.47 0.25 -3.49
CA GLY A 13 0.23 0.00 -4.92
C GLY A 13 0.27 -1.48 -5.41
N VAL A 15 3.89 -2.86 -5.40
CA VAL A 15 5.38 -2.96 -5.56
C VAL A 15 6.14 -2.09 -4.51
N ILE A 16 5.77 -0.80 -4.36
CA ILE A 16 6.60 0.25 -3.68
C ILE A 16 6.72 0.00 -2.13
N CYS A 17 5.59 0.00 -1.40
CA CYS A 17 5.54 -0.44 0.02
C CYS A 17 5.42 -2.00 0.12
N ALA A 18 5.02 -2.51 1.29
CA ALA A 18 4.56 -3.93 1.44
C ALA A 18 3.07 -4.13 1.03
N CYS A 19 2.79 -3.83 -0.24
CA CYS A 19 2.63 -4.91 -1.23
C CYS A 19 3.87 -4.85 -2.13
N SER A 2 -5.81 0.30 -2.28
CA SER A 2 -6.89 -0.72 -2.33
C SER A 2 -8.04 -0.28 -1.35
N GLY A 3 -8.76 0.77 -1.78
CA GLY A 3 -9.60 1.59 -0.87
C GLY A 3 -8.74 2.78 -0.37
N TRP A 4 -8.45 2.88 0.95
CA TRP A 4 -7.25 3.61 1.44
C TRP A 4 -6.70 2.85 2.69
N VAL A 5 -6.05 1.72 2.40
CA VAL A 5 -5.08 1.05 3.32
C VAL A 5 -3.73 1.84 3.19
N CYS A 6 -3.03 1.66 2.06
CA CYS A 6 -2.35 2.75 1.31
C CYS A 6 -1.48 3.79 2.11
N LEU A 8 1.62 4.40 3.89
CA LEU A 8 2.73 4.36 4.88
C LEU A 8 3.13 2.88 5.13
N ILE A 10 2.31 -0.24 3.71
CA ILE A 10 1.42 -1.41 3.64
C ILE A 10 0.47 -1.10 2.44
N GLU A 11 0.68 -1.80 1.30
CA GLU A 11 -0.19 -1.75 0.09
C GLU A 11 -0.52 -0.33 -0.47
N CYS A 12 0.53 0.46 -0.73
CA CYS A 12 0.48 1.70 -1.56
C CYS A 12 0.32 1.44 -3.09
N GLY A 13 0.76 0.27 -3.60
CA GLY A 13 0.82 0.01 -5.06
C GLY A 13 0.65 -1.46 -5.50
N VAL A 15 4.15 -2.95 -5.58
CA VAL A 15 5.64 -3.07 -5.65
C VAL A 15 6.35 -2.19 -4.57
N ILE A 16 5.94 -0.92 -4.37
CA ILE A 16 6.69 0.13 -3.60
C ILE A 16 6.75 -0.20 -2.07
N CYS A 17 5.59 -0.25 -1.39
CA CYS A 17 5.50 -0.62 0.05
C CYS A 17 5.40 -2.16 0.24
N ALA A 18 4.88 -2.61 1.39
CA ALA A 18 4.36 -4.00 1.55
C ALA A 18 2.92 -4.18 1.02
N CYS A 19 2.78 -3.94 -0.30
CA CYS A 19 2.62 -5.05 -1.24
C CYS A 19 3.95 -5.18 -2.01
#